data_3LMD
#
_entry.id   3LMD
#
_cell.length_a   71.548
_cell.length_b   71.548
_cell.length_c   151.322
_cell.angle_alpha   90.00
_cell.angle_beta   90.00
_cell.angle_gamma   120.00
#
_symmetry.space_group_name_H-M   'P 32 2 1'
#
loop_
_entity.id
_entity.type
_entity.pdbx_description
1 polymer 'Geranylgeranyl pyrophosphate synthase'
2 water water
#
_entity_poly.entity_id   1
_entity_poly.type   'polypeptide(L)'
_entity_poly.pdbx_seq_one_letter_code
;MSLSSGRTVPTRSHGLGKEGVSTTGASQVEFGDPELTARINDAMVQVEELLHTELSSGEDFLVDIVMHLTRAGGKRFRPM
FALLASEFGEKPLSENVIKAAVVVEITHLATLYHDDVMDEASMRRGVPSANARWDNSVAILAGDILLAHASGLMSQLGTD
TVAHFAETFGELVTGQMRETVGPRDTDPIEHYTNVIREKTGVLIASAGYLGAMHAGAAPEHIDALKNFGAAVGMIFQIVD
DIIDIFSETHESGKTPGTDLREGVFTLPVLYALREDTPVGAELRDILTGPLEDDETVNHVLELLSQSGGRQAALDEVYRY
MDIANAELDRLPDSTVKEALRNLATFTVKRVGEGHHHHHH
;
_entity_poly.pdbx_strand_id   A
#
# COMPACT_ATOMS: atom_id res chain seq x y z
N GLY A 20 5.75 4.44 2.06
CA GLY A 20 6.53 5.58 2.66
C GLY A 20 5.69 6.80 2.99
N VAL A 21 6.19 7.97 2.61
CA VAL A 21 5.56 9.24 3.02
C VAL A 21 4.11 9.33 2.56
N SER A 22 3.82 8.76 1.39
CA SER A 22 2.46 8.80 0.82
C SER A 22 1.42 8.17 1.74
N THR A 23 1.63 6.90 2.09
CA THR A 23 0.69 6.17 2.95
C THR A 23 0.63 6.79 4.38
N THR A 24 1.75 7.33 4.84
CA THR A 24 1.84 8.02 6.16
C THR A 24 1.11 9.36 6.17
N GLY A 25 1.43 10.23 5.21
CA GLY A 25 0.76 11.52 5.08
C GLY A 25 -0.75 11.43 4.84
N ALA A 26 -1.17 10.36 4.17
CA ALA A 26 -2.59 10.13 3.87
C ALA A 26 -3.48 10.02 5.12
N SER A 27 -2.99 9.33 6.14
CA SER A 27 -3.69 9.20 7.42
C SER A 27 -3.91 10.55 8.12
N GLN A 28 -3.08 11.53 7.80
CA GLN A 28 -3.09 12.81 8.51
C GLN A 28 -3.55 13.99 7.67
N VAL A 29 -4.33 13.71 6.63
CA VAL A 29 -5.04 14.76 5.90
C VAL A 29 -6.35 15.04 6.65
N GLU A 30 -6.47 16.22 7.26
CA GLU A 30 -7.61 16.52 8.13
C GLU A 30 -8.95 16.47 7.41
N PHE A 31 -9.92 15.74 7.96
CA PHE A 31 -11.28 15.78 7.41
C PHE A 31 -11.86 17.14 7.75
N GLY A 32 -12.52 17.76 6.77
CA GLY A 32 -13.19 19.03 7.01
C GLY A 32 -14.50 18.82 7.72
N ASP A 33 -14.75 17.59 8.15
CA ASP A 33 -15.98 17.24 8.85
C ASP A 33 -15.63 16.76 10.26
N PRO A 34 -15.89 17.60 11.26
CA PRO A 34 -15.59 17.34 12.67
C PRO A 34 -16.29 16.11 13.24
N GLU A 35 -17.53 15.83 12.84
CA GLU A 35 -18.16 14.58 13.33
C GLU A 35 -17.56 13.36 12.65
N LEU A 36 -17.42 13.41 11.33
CA LEU A 36 -16.73 12.34 10.64
C LEU A 36 -15.46 12.01 11.43
N THR A 37 -14.67 13.04 11.70
CA THR A 37 -13.41 12.90 12.42
C THR A 37 -13.58 12.14 13.76
N ALA A 38 -14.58 12.53 14.55
CA ALA A 38 -14.79 11.92 15.87
C ALA A 38 -15.23 10.44 15.79
N ARG A 39 -16.16 10.16 14.90
CA ARG A 39 -16.69 8.81 14.71
C ARG A 39 -15.56 7.88 14.25
N ILE A 40 -14.80 8.32 13.26
CA ILE A 40 -13.68 7.57 12.74
C ILE A 40 -12.61 7.36 13.81
N ASN A 41 -12.17 8.43 14.48
CA ASN A 41 -11.24 8.32 15.62
C ASN A 41 -11.67 7.30 16.69
N ASP A 42 -12.93 7.33 17.09
CA ASP A 42 -13.46 6.36 18.06
C ASP A 42 -13.38 4.93 17.54
N ALA A 43 -13.70 4.75 16.27
CA ALA A 43 -13.64 3.40 15.70
C ALA A 43 -12.18 2.95 15.55
N MET A 44 -11.24 3.87 15.27
CA MET A 44 -9.81 3.52 15.21
C MET A 44 -9.27 3.03 16.56
N VAL A 45 -9.79 3.56 17.65
CA VAL A 45 -9.38 3.08 18.98
C VAL A 45 -9.83 1.63 19.14
N GLN A 46 -11.05 1.35 18.72
CA GLN A 46 -11.59 0.00 18.80
C GLN A 46 -10.79 -0.99 17.93
N VAL A 47 -10.40 -0.56 16.74
CA VAL A 47 -9.48 -1.35 15.90
C VAL A 47 -8.17 -1.61 16.63
N GLU A 48 -7.56 -0.56 17.16
CA GLU A 48 -6.32 -0.70 17.89
C GLU A 48 -6.45 -1.68 19.06
N GLU A 49 -7.57 -1.66 19.79
CA GLU A 49 -7.75 -2.54 20.95
C GLU A 49 -7.81 -3.99 20.52
N LEU A 50 -8.58 -4.26 19.47
CA LEU A 50 -8.78 -5.65 19.04
C LEU A 50 -7.49 -6.17 18.38
N LEU A 51 -6.84 -5.31 17.60
CA LEU A 51 -5.55 -5.68 17.05
C LEU A 51 -4.57 -6.03 18.15
N HIS A 52 -4.44 -5.16 19.17
CA HIS A 52 -3.47 -5.46 20.25
C HIS A 52 -3.87 -6.76 20.94
N THR A 53 -5.15 -6.97 21.16
CA THR A 53 -5.55 -8.26 21.74
C THR A 53 -5.04 -9.44 20.90
N GLU A 54 -5.26 -9.40 19.59
CA GLU A 54 -4.80 -10.50 18.74
C GLU A 54 -3.28 -10.65 18.78
N LEU A 55 -2.56 -9.55 18.62
CA LEU A 55 -1.11 -9.63 18.58
C LEU A 55 -0.54 -10.18 19.91
N SER A 56 -1.27 -9.94 21.00
CA SER A 56 -0.77 -10.41 22.31
C SER A 56 -1.49 -11.66 22.79
N SER A 57 -2.05 -12.42 21.84
CA SER A 57 -2.69 -13.71 22.18
C SER A 57 -1.76 -14.91 21.94
N GLY A 58 -1.80 -15.89 22.83
CA GLY A 58 -0.99 -17.10 22.65
C GLY A 58 -0.02 -17.28 23.79
N GLU A 59 0.86 -18.27 23.65
CA GLU A 59 1.80 -18.60 24.72
C GLU A 59 2.77 -17.45 24.97
N ASP A 60 3.13 -17.23 26.22
CA ASP A 60 4.03 -16.12 26.56
C ASP A 60 5.27 -16.02 25.70
N PHE A 61 5.93 -17.16 25.47
CA PHE A 61 7.22 -17.12 24.75
C PHE A 61 7.01 -16.69 23.31
N LEU A 62 5.84 -16.99 22.76
CA LEU A 62 5.49 -16.53 21.43
C LEU A 62 5.04 -15.07 21.43
N VAL A 63 4.18 -14.71 22.38
CA VAL A 63 3.74 -13.30 22.45
C VAL A 63 4.93 -12.35 22.67
N ASP A 64 5.89 -12.73 23.51
CA ASP A 64 7.08 -11.86 23.73
C ASP A 64 7.73 -11.55 22.42
N ILE A 65 7.83 -12.55 21.56
CA ILE A 65 8.45 -12.33 20.26
C ILE A 65 7.63 -11.40 19.38
N VAL A 66 6.32 -11.64 19.31
CA VAL A 66 5.50 -10.81 18.48
C VAL A 66 5.49 -9.34 18.97
N MET A 67 5.47 -9.14 20.28
CA MET A 67 5.44 -7.78 20.82
C MET A 67 6.78 -7.06 20.57
N HIS A 68 7.87 -7.80 20.58
CA HIS A 68 9.14 -7.20 20.27
C HIS A 68 9.31 -6.77 18.84
N LEU A 69 8.57 -7.39 17.93
CA LEU A 69 8.60 -7.04 16.52
C LEU A 69 7.56 -5.99 16.20
N THR A 70 6.62 -5.78 17.12
CA THR A 70 5.56 -4.82 16.88
C THR A 70 6.10 -3.41 17.02
N ARG A 71 6.18 -2.71 15.88
CA ARG A 71 6.76 -1.37 15.84
C ARG A 71 5.69 -0.30 16.08
N ALA A 72 5.65 0.23 17.31
CA ALA A 72 4.75 1.35 17.59
C ALA A 72 4.63 2.19 16.32
N GLY A 73 3.43 2.21 15.73
CA GLY A 73 3.25 2.80 14.41
C GLY A 73 2.84 4.26 14.36
N GLY A 74 1.66 4.55 14.93
CA GLY A 74 1.06 5.87 14.78
C GLY A 74 -0.34 5.73 14.20
N LYS A 75 -0.53 6.13 12.95
CA LYS A 75 -1.82 5.96 12.29
C LYS A 75 -1.79 4.93 11.16
N ARG A 76 -2.75 4.01 11.20
CA ARG A 76 -2.79 2.84 10.31
C ARG A 76 -3.72 3.10 9.12
N PHE A 77 -3.14 3.36 7.95
CA PHE A 77 -3.95 3.78 6.79
C PHE A 77 -4.99 2.74 6.34
N ARG A 78 -4.60 1.47 6.30
CA ARG A 78 -5.51 0.45 5.75
C ARG A 78 -6.79 0.28 6.57
N PRO A 79 -6.67 0.17 7.91
CA PRO A 79 -7.93 0.12 8.66
C PRO A 79 -8.72 1.42 8.57
N MET A 80 -8.04 2.57 8.52
CA MET A 80 -8.74 3.85 8.39
C MET A 80 -9.56 3.87 7.10
N PHE A 81 -8.97 3.39 6.01
CA PHE A 81 -9.69 3.31 4.74
C PHE A 81 -10.89 2.37 4.83
N ALA A 82 -10.74 1.23 5.51
CA ALA A 82 -11.88 0.31 5.69
C ALA A 82 -13.03 1.00 6.48
N LEU A 83 -12.66 1.78 7.49
CA LEU A 83 -13.67 2.50 8.29
C LEU A 83 -14.39 3.57 7.43
N LEU A 84 -13.62 4.34 6.66
CA LEU A 84 -14.21 5.31 5.72
C LEU A 84 -15.14 4.64 4.73
N ALA A 85 -14.69 3.52 4.15
CA ALA A 85 -15.52 2.79 3.22
C ALA A 85 -16.82 2.36 3.86
N SER A 86 -16.77 1.97 5.14
CA SER A 86 -18.00 1.51 5.81
C SER A 86 -19.03 2.63 5.94
N GLU A 87 -18.59 3.88 5.84
CA GLU A 87 -19.53 5.01 5.96
C GLU A 87 -20.56 5.00 4.85
N PHE A 88 -20.34 4.18 3.82
CA PHE A 88 -21.27 4.11 2.71
C PHE A 88 -22.34 3.04 2.86
N GLY A 89 -22.32 2.28 3.95
CA GLY A 89 -23.32 1.22 4.10
C GLY A 89 -24.34 1.60 5.18
N GLU A 90 -25.28 0.70 5.46
CA GLU A 90 -26.29 0.96 6.49
C GLU A 90 -25.78 0.74 7.92
N LYS A 91 -24.67 0.01 8.08
CA LYS A 91 -24.12 -0.19 9.41
C LYS A 91 -22.65 0.20 9.47
N PRO A 92 -22.35 1.49 9.35
CA PRO A 92 -20.98 2.05 9.39
C PRO A 92 -20.33 1.78 10.70
N LEU A 93 -19.04 1.45 10.65
CA LEU A 93 -18.27 1.36 11.88
C LEU A 93 -18.80 0.32 12.87
N SER A 94 -19.53 -0.67 12.37
CA SER A 94 -20.13 -1.66 13.25
C SER A 94 -19.07 -2.65 13.71
N GLU A 95 -19.45 -3.60 14.56
CA GLU A 95 -18.45 -4.50 15.17
C GLU A 95 -17.72 -5.32 14.07
N ASN A 96 -18.45 -5.75 13.05
CA ASN A 96 -17.82 -6.56 12.00
C ASN A 96 -16.93 -5.73 11.05
N VAL A 97 -17.27 -4.46 10.87
CA VAL A 97 -16.39 -3.51 10.18
C VAL A 97 -15.06 -3.35 10.93
N ILE A 98 -15.13 -3.14 12.25
CA ILE A 98 -13.92 -3.08 13.08
C ILE A 98 -13.12 -4.36 12.96
N LYS A 99 -13.80 -5.49 13.05
CA LYS A 99 -13.09 -6.77 12.98
C LYS A 99 -12.44 -7.02 11.58
N ALA A 100 -13.17 -6.71 10.52
CA ALA A 100 -12.57 -6.74 9.17
C ALA A 100 -11.34 -5.84 9.03
N ALA A 101 -11.37 -4.65 9.61
CA ALA A 101 -10.25 -3.71 9.53
C ALA A 101 -9.03 -4.29 10.23
N VAL A 102 -9.29 -5.02 11.31
CA VAL A 102 -8.22 -5.65 12.07
C VAL A 102 -7.63 -6.77 11.21
N VAL A 103 -8.49 -7.53 10.54
CA VAL A 103 -7.99 -8.59 9.67
C VAL A 103 -7.09 -8.01 8.59
N VAL A 104 -7.51 -6.91 7.97
CA VAL A 104 -6.67 -6.26 6.96
C VAL A 104 -5.33 -5.87 7.54
N GLU A 105 -5.36 -5.22 8.71
CA GLU A 105 -4.09 -4.77 9.30
C GLU A 105 -3.16 -5.90 9.72
N ILE A 106 -3.74 -7.00 10.24
CA ILE A 106 -2.93 -8.16 10.64
C ILE A 106 -2.27 -8.76 9.43
N THR A 107 -3.01 -8.79 8.33
CA THR A 107 -2.45 -9.33 7.08
C THR A 107 -1.30 -8.48 6.57
N HIS A 108 -1.49 -7.17 6.65
CA HIS A 108 -0.42 -6.24 6.34
C HIS A 108 0.81 -6.51 7.17
N LEU A 109 0.65 -6.63 8.49
CA LEU A 109 1.80 -6.88 9.37
C LEU A 109 2.48 -8.23 9.07
N ALA A 110 1.69 -9.28 8.85
CA ALA A 110 2.25 -10.62 8.56
C ALA A 110 3.15 -10.55 7.34
N THR A 111 2.64 -9.87 6.33
CA THR A 111 3.32 -9.58 5.07
C THR A 111 4.66 -8.90 5.23
N LEU A 112 4.69 -7.86 6.05
CA LEU A 112 5.92 -7.20 6.42
C LEU A 112 6.92 -8.12 7.09
N TYR A 113 6.46 -8.93 8.03
CA TYR A 113 7.39 -9.81 8.72
C TYR A 113 8.03 -10.78 7.75
N HIS A 114 7.28 -11.31 6.79
CA HIS A 114 7.89 -12.22 5.80
CA HIS A 114 7.91 -12.21 5.83
C HIS A 114 8.75 -11.45 4.79
N ASP A 115 8.31 -10.26 4.42
CA ASP A 115 9.12 -9.39 3.55
C ASP A 115 10.46 -9.06 4.16
N ASP A 116 10.45 -8.62 5.42
CA ASP A 116 11.69 -8.21 6.09
C ASP A 116 12.74 -9.33 6.14
N VAL A 117 12.29 -10.57 6.31
CA VAL A 117 13.21 -11.70 6.33
C VAL A 117 13.91 -11.91 4.98
N MET A 118 13.22 -11.59 3.90
CA MET A 118 13.80 -11.69 2.57
C MET A 118 14.65 -10.49 2.13
N ASP A 119 14.16 -9.28 2.39
CA ASP A 119 14.91 -8.06 2.08
C ASP A 119 16.21 -7.97 2.90
N ASN A 131 22.41 -14.57 16.81
CA ASN A 131 22.80 -14.18 15.46
C ASN A 131 21.60 -13.87 14.57
N ALA A 132 21.76 -14.13 13.27
CA ALA A 132 20.72 -13.80 12.29
C ALA A 132 19.82 -15.00 11.94
N ARG A 133 20.33 -16.21 12.17
CA ARG A 133 19.54 -17.40 11.89
C ARG A 133 18.28 -17.44 12.78
N TRP A 134 18.40 -16.89 13.98
CA TRP A 134 17.29 -16.88 14.94
C TRP A 134 16.23 -15.85 14.57
N ASP A 135 16.65 -14.63 14.27
CA ASP A 135 15.75 -13.55 13.91
C ASP A 135 14.87 -13.91 12.70
N ASN A 136 15.45 -14.66 11.77
CA ASN A 136 14.71 -15.05 10.59
C ASN A 136 13.67 -16.10 10.94
N SER A 137 14.09 -17.11 11.68
CA SER A 137 13.15 -18.10 12.11
C SER A 137 11.99 -17.41 12.82
N VAL A 138 12.29 -16.49 13.74
CA VAL A 138 11.18 -16.02 14.55
C VAL A 138 10.28 -15.09 13.78
N ALA A 139 10.83 -14.29 12.87
CA ALA A 139 10.00 -13.45 12.02
C ALA A 139 9.06 -14.26 11.12
N ILE A 140 9.53 -15.39 10.63
CA ILE A 140 8.70 -16.25 9.79
C ILE A 140 7.52 -16.73 10.63
N LEU A 141 7.83 -17.15 11.87
CA LEU A 141 6.81 -17.69 12.74
C LEU A 141 5.88 -16.60 13.27
N ALA A 142 6.40 -15.40 13.51
CA ALA A 142 5.52 -14.30 13.90
C ALA A 142 4.50 -14.01 12.76
N GLY A 143 4.97 -14.01 11.52
CA GLY A 143 4.07 -13.78 10.39
C GLY A 143 3.03 -14.89 10.36
N ASP A 144 3.44 -16.13 10.59
CA ASP A 144 2.47 -17.25 10.53
C ASP A 144 1.41 -17.20 11.66
N ILE A 145 1.82 -16.85 12.87
CA ILE A 145 0.84 -16.86 13.95
C ILE A 145 -0.13 -15.69 13.69
N LEU A 146 0.36 -14.60 13.10
CA LEU A 146 -0.57 -13.51 12.71
C LEU A 146 -1.64 -14.00 11.73
N LEU A 147 -1.22 -14.77 10.74
CA LEU A 147 -2.19 -15.37 9.79
C LEU A 147 -3.17 -16.28 10.53
N ALA A 148 -2.71 -17.03 11.52
CA ALA A 148 -3.65 -17.86 12.30
C ALA A 148 -4.66 -16.97 13.07
N HIS A 149 -4.18 -15.89 13.70
CA HIS A 149 -5.08 -14.91 14.36
C HIS A 149 -6.10 -14.36 13.37
N ALA A 150 -5.62 -13.96 12.21
CA ALA A 150 -6.53 -13.39 11.20
C ALA A 150 -7.61 -14.40 10.82
N SER A 151 -7.22 -15.65 10.62
CA SER A 151 -8.20 -16.68 10.26
C SER A 151 -9.26 -16.87 11.34
N GLY A 152 -8.84 -16.80 12.61
CA GLY A 152 -9.80 -16.88 13.73
C GLY A 152 -10.89 -15.82 13.57
N LEU A 153 -10.48 -14.56 13.36
CA LEU A 153 -11.47 -13.47 13.18
C LEU A 153 -12.33 -13.66 11.92
N MET A 154 -11.70 -14.08 10.84
CA MET A 154 -12.45 -14.33 9.57
C MET A 154 -13.49 -15.41 9.73
N SER A 155 -13.23 -16.40 10.59
CA SER A 155 -14.25 -17.44 10.84
C SER A 155 -15.53 -16.85 11.42
N GLN A 156 -15.43 -15.66 12.00
CA GLN A 156 -16.62 -15.01 12.56
C GLN A 156 -17.22 -14.02 11.55
N LEU A 157 -16.47 -13.72 10.49
CA LEU A 157 -16.91 -12.72 9.50
C LEU A 157 -17.67 -13.38 8.35
N GLY A 158 -17.45 -14.67 8.13
CA GLY A 158 -18.23 -15.37 7.11
C GLY A 158 -17.36 -15.84 5.95
N THR A 159 -17.88 -16.77 5.16
CA THR A 159 -17.06 -17.39 4.10
C THR A 159 -16.73 -16.45 2.95
N ASP A 160 -17.58 -15.45 2.67
CA ASP A 160 -17.27 -14.51 1.61
CA ASP A 160 -17.24 -14.50 1.60
C ASP A 160 -16.00 -13.71 1.96
N THR A 161 -15.82 -13.43 3.26
CA THR A 161 -14.60 -12.72 3.69
C THR A 161 -13.40 -13.62 3.49
N VAL A 162 -13.58 -14.89 3.82
CA VAL A 162 -12.49 -15.86 3.68
C VAL A 162 -12.08 -16.02 2.19
N ALA A 163 -13.07 -16.09 1.31
CA ALA A 163 -12.82 -16.26 -0.13
C ALA A 163 -12.07 -15.04 -0.64
N HIS A 164 -12.51 -13.86 -0.21
CA HIS A 164 -11.87 -12.62 -0.62
C HIS A 164 -10.45 -12.54 -0.05
N PHE A 165 -10.27 -12.93 1.19
CA PHE A 165 -8.93 -13.02 1.79
C PHE A 165 -8.02 -13.95 0.99
N ALA A 166 -8.54 -15.12 0.63
CA ALA A 166 -7.73 -16.09 -0.09
C ALA A 166 -7.17 -15.47 -1.38
N GLU A 167 -8.01 -14.72 -2.09
CA GLU A 167 -7.61 -14.07 -3.34
C GLU A 167 -6.62 -12.96 -3.05
N THR A 168 -6.96 -12.09 -2.11
CA THR A 168 -6.08 -10.98 -1.74
C THR A 168 -4.70 -11.43 -1.27
N PHE A 169 -4.68 -12.36 -0.34
CA PHE A 169 -3.43 -12.87 0.20
C PHE A 169 -2.62 -13.62 -0.90
N GLY A 170 -3.28 -14.40 -1.72
CA GLY A 170 -2.60 -15.06 -2.87
C GLY A 170 -1.93 -14.03 -3.80
N GLU A 171 -2.64 -12.96 -4.09
CA GLU A 171 -2.03 -11.84 -4.86
C GLU A 171 -0.84 -11.19 -4.19
N LEU A 172 -0.95 -10.92 -2.88
CA LEU A 172 0.15 -10.29 -2.15
C LEU A 172 1.36 -11.18 -2.22
N VAL A 173 1.16 -12.49 -2.04
CA VAL A 173 2.27 -13.42 -2.05
C VAL A 173 2.85 -13.49 -3.47
N THR A 174 1.97 -13.43 -4.46
CA THR A 174 2.40 -13.47 -5.87
C THR A 174 3.27 -12.24 -6.15
N GLY A 175 2.87 -11.07 -5.66
CA GLY A 175 3.66 -9.84 -5.84
C GLY A 175 5.03 -9.94 -5.22
N GLN A 176 5.12 -10.47 -4.00
CA GLN A 176 6.44 -10.68 -3.36
C GLN A 176 7.32 -11.65 -4.19
N MET A 177 6.73 -12.73 -4.66
CA MET A 177 7.49 -13.71 -5.49
C MET A 177 7.92 -13.06 -6.80
N ARG A 178 7.01 -12.29 -7.40
CA ARG A 178 7.32 -11.58 -8.65
C ARG A 178 8.49 -10.63 -8.48
N GLU A 179 8.47 -9.88 -7.39
CA GLU A 179 9.58 -8.99 -7.12
C GLU A 179 10.89 -9.76 -6.89
N THR A 180 10.78 -10.89 -6.18
CA THR A 180 11.93 -11.75 -5.90
C THR A 180 12.56 -12.36 -7.16
N VAL A 181 11.75 -12.90 -8.07
CA VAL A 181 12.31 -13.47 -9.32
C VAL A 181 12.73 -12.43 -10.35
N GLY A 182 12.15 -11.23 -10.29
CA GLY A 182 12.55 -10.19 -11.22
C GLY A 182 11.80 -10.19 -12.53
N PRO A 183 12.13 -9.21 -13.39
CA PRO A 183 11.39 -9.05 -14.64
C PRO A 183 11.68 -10.14 -15.68
N ARG A 184 12.76 -10.89 -15.49
CA ARG A 184 13.14 -11.91 -16.47
C ARG A 184 13.16 -11.28 -17.86
N ASP A 185 12.30 -11.77 -18.75
CA ASP A 185 12.25 -11.28 -20.12
C ASP A 185 11.04 -10.37 -20.40
N THR A 186 10.32 -9.95 -19.36
CA THR A 186 9.13 -9.13 -19.62
C THR A 186 9.48 -7.65 -19.71
N ASP A 187 8.53 -6.88 -20.21
CA ASP A 187 8.68 -5.44 -20.23
C ASP A 187 8.87 -4.94 -18.78
N PRO A 188 9.96 -4.22 -18.53
CA PRO A 188 10.30 -3.79 -17.15
C PRO A 188 9.24 -2.86 -16.51
N ILE A 189 8.51 -2.10 -17.31
CA ILE A 189 7.49 -1.22 -16.78
C ILE A 189 6.21 -1.99 -16.41
N GLU A 190 5.83 -2.95 -17.24
CA GLU A 190 4.77 -3.90 -16.89
C GLU A 190 5.10 -4.70 -15.61
N HIS A 191 6.35 -5.13 -15.49
CA HIS A 191 6.82 -5.82 -14.29
C HIS A 191 6.64 -4.93 -13.06
N TYR A 192 7.13 -3.70 -13.14
CA TYR A 192 7.06 -2.77 -12.04
C TYR A 192 5.61 -2.57 -11.68
N THR A 193 4.76 -2.36 -12.68
CA THR A 193 3.34 -2.09 -12.44
C THR A 193 2.66 -3.28 -11.76
N ASN A 194 2.96 -4.48 -12.23
CA ASN A 194 2.39 -5.72 -11.66
C ASN A 194 2.82 -5.93 -10.22
N VAL A 195 4.11 -5.71 -9.95
CA VAL A 195 4.60 -5.80 -8.59
C VAL A 195 3.84 -4.88 -7.62
N ILE A 196 3.68 -3.60 -7.98
CA ILE A 196 2.97 -2.66 -7.09
CA ILE A 196 2.96 -2.64 -7.11
C ILE A 196 1.49 -3.01 -6.94
N ARG A 197 0.84 -3.34 -8.04
CA ARG A 197 -0.59 -3.74 -7.98
C ARG A 197 -0.78 -4.90 -6.99
N GLU A 198 0.11 -5.91 -7.07
CA GLU A 198 0.00 -7.11 -6.22
C GLU A 198 0.48 -6.93 -4.79
N LYS A 199 1.67 -6.35 -4.63
CA LYS A 199 2.24 -6.16 -3.31
C LYS A 199 1.54 -5.12 -2.47
N THR A 200 1.04 -4.08 -3.13
CA THR A 200 0.48 -2.91 -2.40
C THR A 200 -0.99 -2.61 -2.70
N GLY A 201 -1.36 -2.55 -3.97
CA GLY A 201 -2.73 -2.13 -4.32
C GLY A 201 -3.80 -3.07 -3.78
N VAL A 202 -3.55 -4.39 -3.87
CA VAL A 202 -4.67 -5.32 -3.64
C VAL A 202 -5.14 -5.26 -2.19
N LEU A 203 -4.24 -4.96 -1.27
CA LEU A 203 -4.65 -4.97 0.13
C LEU A 203 -5.40 -3.69 0.51
N ILE A 204 -5.03 -2.58 -0.11
CA ILE A 204 -5.80 -1.33 0.11
C ILE A 204 -7.19 -1.49 -0.53
N ALA A 205 -7.24 -2.07 -1.73
CA ALA A 205 -8.50 -2.41 -2.38
C ALA A 205 -9.34 -3.30 -1.46
N SER A 206 -8.69 -4.25 -0.80
CA SER A 206 -9.38 -5.17 0.09
C SER A 206 -9.98 -4.44 1.30
N ALA A 207 -9.26 -3.49 1.87
CA ALA A 207 -9.78 -2.69 2.97
C ALA A 207 -11.08 -1.98 2.54
N GLY A 208 -11.11 -1.41 1.32
CA GLY A 208 -12.34 -0.73 0.83
C GLY A 208 -13.48 -1.74 0.65
N TYR A 209 -13.15 -2.87 0.04
CA TYR A 209 -14.13 -3.91 -0.23
C TYR A 209 -14.78 -4.40 1.08
N LEU A 210 -13.93 -4.74 2.06
CA LEU A 210 -14.39 -5.35 3.29
C LEU A 210 -15.12 -4.35 4.19
N GLY A 211 -14.60 -3.14 4.30
CA GLY A 211 -15.24 -2.10 5.10
C GLY A 211 -16.64 -1.84 4.57
N ALA A 212 -16.77 -1.69 3.25
CA ALA A 212 -18.07 -1.43 2.65
C ALA A 212 -18.99 -2.64 2.75
N MET A 213 -18.47 -3.84 2.47
CA MET A 213 -19.31 -5.02 2.46
C MET A 213 -19.88 -5.32 3.85
N HIS A 214 -19.03 -5.29 4.87
CA HIS A 214 -19.50 -5.54 6.25
C HIS A 214 -20.40 -4.45 6.82
N ALA A 215 -20.41 -3.27 6.19
CA ALA A 215 -21.35 -2.23 6.56
C ALA A 215 -22.68 -2.37 5.81
N GLY A 216 -22.77 -3.38 4.95
CA GLY A 216 -23.94 -3.60 4.11
C GLY A 216 -24.16 -2.60 2.98
N ALA A 217 -23.09 -1.98 2.47
CA ALA A 217 -23.21 -1.11 1.30
C ALA A 217 -23.76 -1.84 0.06
N ALA A 218 -24.37 -1.08 -0.85
CA ALA A 218 -24.78 -1.61 -2.16
C ALA A 218 -23.58 -2.14 -2.95
N PRO A 219 -23.77 -3.22 -3.73
CA PRO A 219 -22.75 -3.90 -4.54
C PRO A 219 -21.90 -2.94 -5.39
N GLU A 220 -22.54 -1.98 -6.04
CA GLU A 220 -21.85 -1.00 -6.86
C GLU A 220 -20.93 -0.13 -6.03
N HIS A 221 -21.34 0.17 -4.80
CA HIS A 221 -20.55 1.02 -3.95
C HIS A 221 -19.38 0.23 -3.37
N ILE A 222 -19.64 -1.02 -3.01
CA ILE A 222 -18.57 -1.92 -2.57
C ILE A 222 -17.51 -2.03 -3.68
N ASP A 223 -17.98 -2.26 -4.91
CA ASP A 223 -17.07 -2.39 -6.04
C ASP A 223 -16.29 -1.10 -6.29
N ALA A 224 -16.96 0.04 -6.19
CA ALA A 224 -16.30 1.31 -6.43
C ALA A 224 -15.20 1.56 -5.38
N LEU A 225 -15.47 1.21 -4.12
CA LEU A 225 -14.50 1.48 -3.05
C LEU A 225 -13.28 0.55 -3.17
N LYS A 226 -13.55 -0.68 -3.56
CA LYS A 226 -12.50 -1.62 -3.87
C LYS A 226 -11.57 -1.05 -4.98
N ASN A 227 -12.18 -0.60 -6.08
CA ASN A 227 -11.41 -0.13 -7.24
C ASN A 227 -10.68 1.17 -6.91
N PHE A 228 -11.31 1.99 -6.07
CA PHE A 228 -10.67 3.22 -5.65
C PHE A 228 -9.42 2.90 -4.82
N GLY A 229 -9.54 1.94 -3.92
CA GLY A 229 -8.37 1.54 -3.09
C GLY A 229 -7.25 1.00 -3.99
N ALA A 230 -7.57 0.22 -5.01
CA ALA A 230 -6.52 -0.26 -5.94
C ALA A 230 -5.78 0.90 -6.60
N ALA A 231 -6.53 1.88 -7.06
CA ALA A 231 -5.94 3.02 -7.79
C ALA A 231 -5.09 3.88 -6.86
N VAL A 232 -5.59 4.09 -5.64
CA VAL A 232 -4.85 4.84 -4.65
C VAL A 232 -3.52 4.15 -4.25
N GLY A 233 -3.57 2.83 -4.13
CA GLY A 233 -2.31 2.05 -3.86
C GLY A 233 -1.26 2.35 -4.92
N MET A 234 -1.68 2.38 -6.20
CA MET A 234 -0.74 2.72 -7.28
C MET A 234 -0.20 4.14 -7.12
N ILE A 235 -1.08 5.10 -6.86
CA ILE A 235 -0.69 6.48 -6.67
C ILE A 235 0.32 6.61 -5.54
N PHE A 236 0.04 5.98 -4.39
CA PHE A 236 0.96 6.09 -3.24
C PHE A 236 2.38 5.68 -3.61
N GLN A 237 2.51 4.52 -4.25
CA GLN A 237 3.83 3.95 -4.52
C GLN A 237 4.56 4.74 -5.62
N ILE A 238 3.88 5.12 -6.70
CA ILE A 238 4.55 5.87 -7.74
C ILE A 238 4.98 7.24 -7.21
N VAL A 239 4.12 7.89 -6.43
CA VAL A 239 4.46 9.19 -5.89
C VAL A 239 5.69 9.06 -4.98
N ASP A 240 5.71 8.04 -4.12
CA ASP A 240 6.88 7.76 -3.26
C ASP A 240 8.15 7.58 -4.10
N ASP A 241 8.01 6.84 -5.20
CA ASP A 241 9.16 6.56 -6.05
C ASP A 241 9.69 7.80 -6.74
N ILE A 242 8.79 8.68 -7.18
CA ILE A 242 9.19 9.97 -7.72
C ILE A 242 9.94 10.81 -6.67
N ILE A 243 9.36 10.90 -5.48
CA ILE A 243 9.97 11.67 -4.39
C ILE A 243 11.39 11.14 -4.09
N ASP A 244 11.55 9.82 -4.09
CA ASP A 244 12.84 9.23 -3.77
C ASP A 244 13.95 9.70 -4.71
N ILE A 245 13.58 9.93 -5.97
CA ILE A 245 14.56 10.32 -6.97
C ILE A 245 14.67 11.83 -7.12
N PHE A 246 13.54 12.54 -7.06
CA PHE A 246 13.55 13.97 -7.39
C PHE A 246 13.43 14.87 -6.17
N SER A 247 13.26 14.24 -5.01
CA SER A 247 13.41 14.87 -3.69
C SER A 247 12.10 15.40 -3.10
N PRO A 256 18.14 11.99 -1.92
CA PRO A 256 19.04 10.87 -1.70
C PRO A 256 19.20 9.88 -2.86
N GLY A 257 18.09 9.41 -3.43
CA GLY A 257 18.16 8.35 -4.46
C GLY A 257 18.59 6.97 -3.92
N THR A 258 17.96 6.55 -2.83
CA THR A 258 18.39 5.31 -2.16
C THR A 258 18.00 4.02 -2.92
N ASP A 259 16.90 4.04 -3.68
CA ASP A 259 16.52 2.90 -4.55
C ASP A 259 17.62 2.60 -5.58
N LEU A 260 18.16 3.65 -6.19
CA LEU A 260 19.20 3.48 -7.19
C LEU A 260 20.39 2.66 -6.70
N ARG A 261 20.91 3.01 -5.53
CA ARG A 261 22.05 2.31 -4.93
C ARG A 261 21.80 0.80 -4.85
N GLU A 262 20.56 0.42 -4.53
CA GLU A 262 20.18 -0.98 -4.42
C GLU A 262 20.12 -1.69 -5.76
N GLY A 263 20.03 -0.94 -6.85
CA GLY A 263 19.75 -1.55 -8.15
C GLY A 263 18.26 -1.72 -8.35
N VAL A 264 17.47 -0.99 -7.56
CA VAL A 264 16.01 -0.93 -7.74
C VAL A 264 15.63 0.31 -8.61
N PHE A 265 15.24 0.07 -9.86
CA PHE A 265 14.89 1.14 -10.79
C PHE A 265 13.37 1.26 -10.87
N THR A 266 12.84 2.33 -10.30
CA THR A 266 11.39 2.56 -10.29
C THR A 266 10.91 3.29 -11.55
N LEU A 267 9.60 3.55 -11.65
CA LEU A 267 9.00 4.02 -12.88
C LEU A 267 9.72 5.18 -13.59
N PRO A 268 10.06 6.27 -12.90
CA PRO A 268 10.72 7.35 -13.67
C PRO A 268 12.03 6.91 -14.31
N VAL A 269 12.76 6.03 -13.63
CA VAL A 269 14.03 5.54 -14.15
C VAL A 269 13.79 4.64 -15.35
N LEU A 270 12.77 3.80 -15.27
CA LEU A 270 12.47 2.88 -16.36
C LEU A 270 12.02 3.67 -17.60
N TYR A 271 11.21 4.69 -17.40
CA TYR A 271 10.83 5.55 -18.55
C TYR A 271 12.06 6.22 -19.18
N ALA A 272 12.95 6.76 -18.35
CA ALA A 272 14.16 7.45 -18.83
C ALA A 272 15.05 6.48 -19.61
N LEU A 273 15.18 5.26 -19.10
CA LEU A 273 15.95 4.20 -19.80
C LEU A 273 15.44 3.81 -21.18
N ARG A 274 14.20 4.16 -21.48
CA ARG A 274 13.54 3.83 -22.74
CA ARG A 274 13.57 3.82 -22.77
C ARG A 274 13.82 4.91 -23.80
N GLU A 275 14.28 6.08 -23.37
CA GLU A 275 14.35 7.24 -24.28
C GLU A 275 15.40 7.12 -25.35
N ASP A 276 15.05 7.54 -26.56
CA ASP A 276 16.01 7.57 -27.65
C ASP A 276 16.66 8.95 -27.72
N THR A 277 17.38 9.27 -26.66
CA THR A 277 18.03 10.56 -26.53
C THR A 277 19.42 10.30 -25.98
N PRO A 278 20.28 11.33 -25.98
CA PRO A 278 21.62 11.07 -25.43
C PRO A 278 21.57 10.73 -23.94
N VAL A 279 20.62 11.32 -23.23
CA VAL A 279 20.48 11.02 -21.80
C VAL A 279 20.00 9.59 -21.59
N GLY A 280 19.06 9.14 -22.41
CA GLY A 280 18.62 7.74 -22.35
C GLY A 280 19.77 6.78 -22.63
N ALA A 281 20.56 7.11 -23.64
CA ALA A 281 21.71 6.26 -23.99
C ALA A 281 22.74 6.17 -22.88
N GLU A 282 23.00 7.30 -22.23
CA GLU A 282 24.00 7.33 -21.18
C GLU A 282 23.50 6.59 -19.93
N LEU A 283 22.22 6.72 -19.63
CA LEU A 283 21.60 5.96 -18.53
C LEU A 283 21.63 4.46 -18.79
N ARG A 284 21.34 4.04 -20.02
CA ARG A 284 21.41 2.62 -20.37
C ARG A 284 22.85 2.09 -20.18
N ASP A 285 23.83 2.89 -20.58
CA ASP A 285 25.23 2.55 -20.36
C ASP A 285 25.57 2.40 -18.87
N ILE A 286 25.11 3.33 -18.05
CA ILE A 286 25.46 3.30 -16.64
C ILE A 286 24.69 2.29 -15.79
N LEU A 287 23.39 2.17 -16.01
CA LEU A 287 22.49 1.46 -15.09
C LEU A 287 22.34 -0.02 -15.40
N THR A 288 23.39 -0.74 -15.14
CA THR A 288 23.48 -2.14 -15.43
C THR A 288 23.30 -2.92 -14.12
N GLY A 289 23.22 -2.22 -13.01
CA GLY A 289 23.10 -2.87 -11.74
C GLY A 289 23.21 -1.85 -10.66
N PRO A 290 23.43 -2.27 -9.42
CA PRO A 290 23.49 -1.33 -8.32
C PRO A 290 24.69 -0.40 -8.44
N LEU A 291 24.57 0.76 -7.81
CA LEU A 291 25.60 1.78 -7.86
C LEU A 291 26.20 2.07 -6.50
N GLU A 292 27.39 2.65 -6.50
CA GLU A 292 28.41 2.31 -5.52
C GLU A 292 28.92 3.54 -4.79
N ASP A 293 29.44 4.50 -5.56
CA ASP A 293 29.89 5.77 -5.00
C ASP A 293 28.84 6.85 -5.15
N ASP A 294 28.81 7.80 -4.22
CA ASP A 294 27.95 8.96 -4.33
C ASP A 294 28.11 9.64 -5.69
N GLU A 295 29.23 9.38 -6.34
CA GLU A 295 29.59 10.11 -7.55
C GLU A 295 28.74 9.64 -8.71
N THR A 296 28.67 8.32 -8.89
CA THR A 296 27.90 7.72 -9.94
C THR A 296 26.39 7.89 -9.67
N VAL A 297 25.99 7.72 -8.41
CA VAL A 297 24.60 7.95 -8.03
C VAL A 297 24.19 9.38 -8.33
N ASN A 298 25.00 10.33 -7.87
CA ASN A 298 24.75 11.74 -8.12
C ASN A 298 24.65 12.06 -9.63
N HIS A 299 25.50 11.43 -10.42
CA HIS A 299 25.53 11.70 -11.85
C HIS A 299 24.23 11.15 -12.48
N VAL A 300 23.84 9.95 -12.08
CA VAL A 300 22.57 9.37 -12.52
C VAL A 300 21.37 10.24 -12.13
N LEU A 301 21.31 10.69 -10.89
CA LEU A 301 20.25 11.59 -10.46
C LEU A 301 20.22 12.88 -11.30
N GLU A 302 21.39 13.36 -11.71
CA GLU A 302 21.42 14.53 -12.59
C GLU A 302 20.88 14.19 -13.98
N LEU A 303 21.34 13.08 -14.56
CA LEU A 303 20.80 12.61 -15.84
C LEU A 303 19.26 12.43 -15.79
N LEU A 304 18.76 11.80 -14.74
CA LEU A 304 17.31 11.62 -14.57
C LEU A 304 16.58 12.97 -14.57
N SER A 305 17.15 13.99 -13.91
CA SER A 305 16.52 15.30 -13.92
C SER A 305 16.55 15.96 -15.31
N GLN A 306 17.46 15.50 -16.16
CA GLN A 306 17.56 16.04 -17.52
C GLN A 306 16.66 15.26 -18.48
N SER A 307 16.09 14.13 -18.01
CA SER A 307 15.37 13.22 -18.89
C SER A 307 13.87 13.57 -18.83
N GLY A 308 13.04 12.78 -19.50
CA GLY A 308 11.60 13.01 -19.45
C GLY A 308 10.94 12.05 -18.47
N GLY A 309 11.75 11.40 -17.64
CA GLY A 309 11.27 10.31 -16.77
C GLY A 309 10.32 10.77 -15.68
N ARG A 310 10.61 11.94 -15.11
CA ARG A 310 9.73 12.45 -14.05
C ARG A 310 8.35 12.73 -14.61
N GLN A 311 8.27 13.41 -15.76
CA GLN A 311 6.96 13.76 -16.26
C GLN A 311 6.19 12.52 -16.73
N ALA A 312 6.90 11.56 -17.29
CA ALA A 312 6.25 10.32 -17.72
C ALA A 312 5.64 9.57 -16.51
N ALA A 313 6.38 9.52 -15.42
CA ALA A 313 5.86 8.87 -14.19
C ALA A 313 4.70 9.67 -13.62
N LEU A 314 4.83 11.00 -13.65
CA LEU A 314 3.77 11.85 -13.16
C LEU A 314 2.49 11.69 -13.99
N ASP A 315 2.63 11.57 -15.31
CA ASP A 315 1.45 11.37 -16.16
C ASP A 315 0.79 10.04 -15.85
N GLU A 316 1.59 9.05 -15.47
CA GLU A 316 1.00 7.76 -15.04
C GLU A 316 0.23 7.93 -13.70
N VAL A 317 0.80 8.69 -12.79
CA VAL A 317 0.06 9.10 -11.56
C VAL A 317 -1.28 9.76 -11.91
N TYR A 318 -1.26 10.65 -12.90
CA TYR A 318 -2.49 11.36 -13.26
C TYR A 318 -3.53 10.42 -13.84
N ARG A 319 -3.06 9.42 -14.57
CA ARG A 319 -3.93 8.43 -15.17
C ARG A 319 -4.64 7.60 -14.08
N TYR A 320 -3.90 7.21 -13.04
CA TYR A 320 -4.52 6.53 -11.87
C TYR A 320 -5.43 7.46 -11.10
N MET A 321 -5.10 8.75 -11.06
CA MET A 321 -5.95 9.71 -10.35
C MET A 321 -7.27 9.85 -11.12
N ASP A 322 -7.22 9.78 -12.46
CA ASP A 322 -8.44 9.79 -13.29
C ASP A 322 -9.26 8.55 -13.00
N ILE A 323 -8.61 7.40 -12.91
CA ILE A 323 -9.33 6.17 -12.52
C ILE A 323 -9.99 6.31 -11.14
N ALA A 324 -9.23 6.83 -10.18
CA ALA A 324 -9.74 7.03 -8.82
C ALA A 324 -10.99 7.93 -8.84
N ASN A 325 -10.93 9.03 -9.58
CA ASN A 325 -12.06 9.95 -9.69
C ASN A 325 -13.26 9.30 -10.37
N ALA A 326 -12.99 8.44 -11.35
CA ALA A 326 -14.07 7.69 -11.99
C ALA A 326 -14.70 6.69 -11.03
N GLU A 327 -13.93 6.15 -10.09
CA GLU A 327 -14.55 5.27 -9.08
C GLU A 327 -15.39 6.07 -8.10
N LEU A 328 -14.89 7.22 -7.66
CA LEU A 328 -15.65 8.06 -6.75
C LEU A 328 -16.96 8.58 -7.40
N ASP A 329 -16.95 8.73 -8.72
CA ASP A 329 -18.16 9.09 -9.44
C ASP A 329 -19.27 8.12 -9.15
N ARG A 330 -18.92 6.88 -8.82
CA ARG A 330 -19.92 5.84 -8.58
C ARG A 330 -20.57 5.93 -7.20
N LEU A 331 -20.03 6.80 -6.35
CA LEU A 331 -20.44 6.88 -4.96
C LEU A 331 -21.23 8.17 -4.76
N PRO A 332 -22.15 8.15 -3.79
CA PRO A 332 -22.92 9.34 -3.46
C PRO A 332 -22.07 10.44 -2.86
N ASP A 333 -22.40 11.64 -3.24
CA ASP A 333 -21.74 12.82 -2.77
C ASP A 333 -21.88 12.89 -1.24
N SER A 334 -20.79 13.26 -0.57
CA SER A 334 -20.75 13.26 0.89
C SER A 334 -19.39 13.73 1.33
N THR A 335 -19.26 14.09 2.59
CA THR A 335 -18.00 14.51 3.13
C THR A 335 -17.04 13.35 3.16
N VAL A 336 -17.56 12.15 3.28
CA VAL A 336 -16.63 11.00 3.27
C VAL A 336 -16.09 10.83 1.86
N LYS A 337 -16.97 10.95 0.86
CA LYS A 337 -16.47 10.89 -0.52
C LYS A 337 -15.35 11.89 -0.76
N GLU A 338 -15.54 13.13 -0.28
CA GLU A 338 -14.56 14.17 -0.51
C GLU A 338 -13.27 13.97 0.30
N ALA A 339 -13.39 13.35 1.48
CA ALA A 339 -12.22 12.99 2.28
C ALA A 339 -11.37 11.93 1.52
N LEU A 340 -12.04 10.98 0.89
CA LEU A 340 -11.34 10.00 0.07
C LEU A 340 -10.66 10.68 -1.08
N ARG A 341 -11.36 11.57 -1.74
CA ARG A 341 -10.79 12.29 -2.83
C ARG A 341 -9.60 13.09 -2.39
N ASN A 342 -9.73 13.79 -1.28
CA ASN A 342 -8.69 14.67 -0.81
C ASN A 342 -7.44 13.92 -0.46
N LEU A 343 -7.56 12.73 0.04
CA LEU A 343 -6.36 12.03 0.36
C LEU A 343 -5.58 11.55 -0.85
N ALA A 344 -6.30 11.25 -1.92
CA ALA A 344 -5.67 10.99 -3.19
C ALA A 344 -5.04 12.24 -3.74
N THR A 345 -5.80 13.31 -3.79
CA THR A 345 -5.36 14.56 -4.36
C THR A 345 -4.17 15.12 -3.66
N PHE A 346 -4.22 15.06 -2.36
CA PHE A 346 -3.14 15.59 -1.55
C PHE A 346 -1.84 14.85 -1.87
N THR A 347 -1.95 13.56 -2.07
CA THR A 347 -0.77 12.75 -2.38
C THR A 347 -0.22 13.17 -3.76
N VAL A 348 -1.09 13.29 -4.76
CA VAL A 348 -0.61 13.68 -6.07
C VAL A 348 0.08 15.06 -6.00
N LYS A 349 -0.49 15.97 -5.21
CA LYS A 349 0.05 17.33 -5.06
C LYS A 349 1.43 17.38 -4.44
N ARG A 350 1.86 16.31 -3.79
CA ARG A 350 3.24 16.27 -3.32
C ARG A 350 4.27 16.33 -4.47
N VAL A 351 3.86 15.92 -5.68
CA VAL A 351 4.80 15.87 -6.83
C VAL A 351 4.25 16.61 -8.05
N GLY A 352 2.96 16.89 -8.02
CA GLY A 352 2.22 17.39 -9.18
C GLY A 352 2.44 18.85 -9.47
N GLU A 353 1.63 19.40 -10.37
CA GLU A 353 1.92 20.71 -10.92
C GLU A 353 1.80 21.86 -9.91
N GLY A 354 2.90 22.60 -9.75
CA GLY A 354 3.02 23.66 -8.74
C GLY A 354 3.16 23.11 -7.33
N HIS A 355 3.69 21.90 -7.21
CA HIS A 355 3.68 21.17 -5.93
C HIS A 355 4.28 21.92 -4.74
#